data_2C30
#
_entry.id   2C30
#
_cell.length_a   59.781
_cell.length_b   66.674
_cell.length_c   96.999
_cell.angle_alpha   90.00
_cell.angle_beta   90.00
_cell.angle_gamma   90.00
#
_symmetry.space_group_name_H-M   'P 21 21 21'
#
loop_
_entity.id
_entity.type
_entity.pdbx_description
1 polymer 'SERINE/THREONINE-PROTEIN KINASE PAK 6'
2 non-polymer 'PHOSPHATE ION'
3 non-polymer 'CHLORIDE ION'
4 water water
#
_entity_poly.entity_id   1
_entity_poly.type   'polypeptide(L)'
_entity_poly.pdbx_seq_one_letter_code
;MHHHHHHSSGVDLGTENLYFQSGVVTHEQFKAALRMVVDQGDPRLLLDSYVKIGEGSTGIVCLAREKHSGRQVAVKMMDL
RKQQRRELLFNEVVIMRDYQHFNVVEMYKSYLVGEELWVLMEFLQGGALTDIVSQVRLNEEQIATVCEAVLQALAYLHAQ
GVIHRDIKSDSILLTLDGRVKLSDFGFCAQISKDVPKRK(SEP)LVGTPYWMAPEVISRSLYATEVDIWSLGIMVIEMVD
GEPPYFSDSPVQAMKRLRDSPPPKLKNSHKVSPVLRDFLERMLVRDPQERATAQELLDHPFLLQTGLPECLVPLIQLYRK
QTSTC
;
_entity_poly.pdbx_strand_id   A
#
# COMPACT_ATOMS: atom_id res chain seq x y z
N VAL A 25 24.13 -8.40 -8.82
CA VAL A 25 23.70 -9.62 -8.07
C VAL A 25 23.20 -10.60 -9.13
N THR A 26 23.87 -11.74 -9.21
CA THR A 26 23.52 -12.72 -10.21
C THR A 26 22.26 -13.48 -9.78
N HIS A 27 21.68 -14.20 -10.74
CA HIS A 27 20.56 -15.09 -10.46
C HIS A 27 20.95 -16.06 -9.35
N GLU A 28 22.17 -16.60 -9.42
CA GLU A 28 22.61 -17.54 -8.41
C GLU A 28 22.76 -16.92 -7.01
N GLN A 29 23.33 -15.72 -6.92
CA GLN A 29 23.47 -15.06 -5.61
C GLN A 29 22.09 -14.68 -5.04
N PHE A 30 21.18 -14.24 -5.93
CA PHE A 30 19.85 -13.88 -5.44
C PHE A 30 19.11 -15.06 -4.81
N LYS A 31 19.13 -16.19 -5.51
CA LYS A 31 18.54 -17.45 -4.98
C LYS A 31 19.15 -17.77 -3.62
N ALA A 32 20.47 -17.61 -3.51
CA ALA A 32 21.14 -17.91 -2.24
C ALA A 32 20.65 -16.99 -1.13
N ALA A 33 20.46 -15.71 -1.45
CA ALA A 33 19.97 -14.73 -0.48
C ALA A 33 18.55 -15.17 -0.04
N LEU A 34 17.69 -15.47 -1.01
CA LEU A 34 16.30 -15.84 -0.72
C LEU A 34 16.21 -17.10 0.11
N ARG A 35 17.08 -18.07 -0.20
CA ARG A 35 17.06 -19.31 0.53
C ARG A 35 17.14 -19.10 2.04
N MET A 36 17.79 -18.02 2.46
CA MET A 36 17.96 -17.73 3.89
C MET A 36 16.69 -17.22 4.58
N VAL A 37 15.76 -16.67 3.81
CA VAL A 37 14.65 -15.92 4.38
C VAL A 37 13.27 -16.45 4.06
N VAL A 38 13.16 -17.32 3.05
CA VAL A 38 11.86 -17.83 2.68
C VAL A 38 11.39 -18.92 3.69
N ASP A 39 10.11 -19.23 3.65
CA ASP A 39 9.61 -20.40 4.37
C ASP A 39 10.25 -21.69 3.84
N GLN A 40 10.49 -22.63 4.74
CA GLN A 40 10.99 -23.93 4.34
C GLN A 40 9.78 -24.70 3.84
N GLY A 41 10.02 -25.65 3.00
CA GLY A 41 8.89 -26.45 2.55
C GLY A 41 8.74 -26.22 1.07
N ASP A 42 7.99 -27.12 0.45
CA ASP A 42 7.85 -27.10 -0.98
C ASP A 42 6.37 -27.03 -1.27
N PRO A 43 5.88 -25.90 -1.81
CA PRO A 43 4.41 -25.74 -1.99
C PRO A 43 3.90 -26.68 -3.10
N ARG A 44 4.81 -27.32 -3.84
CA ARG A 44 4.35 -28.29 -4.86
C ARG A 44 3.73 -29.51 -4.21
N LEU A 45 4.03 -29.73 -2.93
CA LEU A 45 3.38 -30.80 -2.18
CA LEU A 45 3.44 -30.81 -2.12
C LEU A 45 2.22 -30.27 -1.32
N LEU A 46 2.25 -28.98 -0.98
CA LEU A 46 1.33 -28.37 -0.03
C LEU A 46 0.04 -27.77 -0.57
N LEU A 47 0.02 -27.48 -1.88
CA LEU A 47 -1.11 -26.84 -2.50
C LEU A 47 -1.77 -27.75 -3.53
N ASP A 48 -3.01 -27.42 -3.86
CA ASP A 48 -3.65 -28.11 -4.97
C ASP A 48 -4.73 -27.20 -5.57
N SER A 49 -5.47 -27.72 -6.56
CA SER A 49 -6.58 -26.98 -7.16
C SER A 49 -6.14 -25.64 -7.74
N TYR A 50 -5.05 -25.69 -8.50
CA TYR A 50 -4.58 -24.49 -9.18
C TYR A 50 -5.44 -24.03 -10.35
N VAL A 51 -5.65 -22.72 -10.40
CA VAL A 51 -6.29 -22.12 -11.57
C VAL A 51 -5.52 -20.84 -11.91
N LYS A 52 -5.00 -20.79 -13.12
CA LYS A 52 -4.29 -19.61 -13.57
C LYS A 52 -5.25 -18.42 -13.71
N ILE A 53 -4.95 -17.31 -13.00
CA ILE A 53 -5.84 -16.13 -13.06
C ILE A 53 -5.15 -14.90 -13.61
N GLY A 54 -3.87 -15.00 -13.91
CA GLY A 54 -3.17 -13.79 -14.34
C GLY A 54 -1.81 -14.14 -14.87
N GLU A 55 -1.23 -13.21 -15.62
CA GLU A 55 0.08 -13.41 -16.16
C GLU A 55 0.66 -12.03 -16.41
N GLY A 56 1.98 -11.96 -16.33
CA GLY A 56 2.71 -10.73 -16.59
C GLY A 56 3.99 -11.15 -17.29
N SER A 57 4.85 -10.17 -17.56
CA SER A 57 6.10 -10.45 -18.24
C SER A 57 7.10 -11.23 -17.38
N THR A 58 6.88 -11.29 -16.06
CA THR A 58 7.86 -11.96 -15.21
C THR A 58 7.27 -13.10 -14.38
N GLY A 59 6.02 -13.45 -14.63
CA GLY A 59 5.44 -14.60 -13.88
C GLY A 59 3.94 -14.73 -14.11
N ILE A 60 3.31 -15.60 -13.33
CA ILE A 60 1.89 -15.85 -13.49
C ILE A 60 1.29 -15.78 -12.07
N VAL A 61 -0.04 -15.73 -11.97
CA VAL A 61 -0.67 -15.86 -10.68
C VAL A 61 -1.71 -16.97 -10.79
N CYS A 62 -1.69 -17.90 -9.82
CA CYS A 62 -2.67 -18.99 -9.75
C CYS A 62 -3.39 -18.91 -8.43
N LEU A 63 -4.71 -19.01 -8.45
CA LEU A 63 -5.42 -19.39 -7.23
C LEU A 63 -5.09 -20.83 -6.93
N ALA A 64 -5.03 -21.15 -5.65
CA ALA A 64 -4.85 -22.56 -5.23
C ALA A 64 -5.43 -22.69 -3.85
N ARG A 65 -5.46 -23.95 -3.37
CA ARG A 65 -5.95 -24.28 -2.01
C ARG A 65 -4.83 -24.87 -1.18
N GLU A 66 -4.73 -24.43 0.08
CA GLU A 66 -3.82 -25.04 1.05
C GLU A 66 -4.47 -26.32 1.51
N LYS A 67 -3.71 -27.40 1.48
CA LYS A 67 -4.26 -28.69 1.81
C LYS A 67 -4.96 -28.89 3.16
N HIS A 68 -4.38 -28.45 4.27
CA HIS A 68 -5.00 -28.87 5.53
C HIS A 68 -6.02 -27.89 6.09
N SER A 69 -5.87 -26.63 5.72
CA SER A 69 -6.82 -25.60 6.13
C SER A 69 -7.93 -25.35 5.12
N GLY A 70 -7.64 -25.69 3.87
CA GLY A 70 -8.60 -25.45 2.83
C GLY A 70 -8.59 -24.02 2.33
N ARG A 71 -7.67 -23.20 2.85
CA ARG A 71 -7.68 -21.79 2.58
C ARG A 71 -7.37 -21.56 1.11
N GLN A 72 -8.11 -20.64 0.50
CA GLN A 72 -7.79 -20.19 -0.85
C GLN A 72 -6.66 -19.12 -0.81
N VAL A 73 -5.66 -19.30 -1.67
CA VAL A 73 -4.59 -18.28 -1.73
C VAL A 73 -4.36 -17.87 -3.18
N ALA A 74 -3.83 -16.68 -3.38
CA ALA A 74 -3.37 -16.24 -4.70
C ALA A 74 -1.86 -16.42 -4.70
N VAL A 75 -1.35 -17.27 -5.56
CA VAL A 75 0.06 -17.66 -5.58
C VAL A 75 0.74 -16.86 -6.72
N LYS A 76 1.56 -15.88 -6.34
CA LYS A 76 2.36 -15.16 -7.35
C LYS A 76 3.55 -16.05 -7.65
N MET A 77 3.66 -16.51 -8.89
CA MET A 77 4.78 -17.36 -9.26
C MET A 77 5.74 -16.58 -10.13
N MET A 78 6.83 -16.10 -9.52
CA MET A 78 7.72 -15.14 -10.16
C MET A 78 8.96 -15.82 -10.71
N ASP A 79 9.21 -15.66 -12.02
CA ASP A 79 10.39 -16.22 -12.63
C ASP A 79 11.53 -15.26 -12.32
N LEU A 80 12.39 -15.69 -11.43
CA LEU A 80 13.46 -14.80 -10.93
C LEU A 80 14.47 -14.45 -11.99
N ARG A 81 14.56 -15.26 -13.06
CA ARG A 81 15.40 -14.91 -14.20
C ARG A 81 14.86 -13.76 -15.08
N LYS A 82 13.59 -13.42 -14.91
CA LYS A 82 12.98 -12.36 -15.68
C LYS A 82 12.70 -11.15 -14.80
N GLN A 83 12.39 -11.44 -13.53
CA GLN A 83 12.16 -10.39 -12.54
C GLN A 83 13.33 -9.39 -12.48
N GLN A 84 12.98 -8.09 -12.43
CA GLN A 84 13.96 -7.04 -12.16
C GLN A 84 13.57 -6.34 -10.86
N ARG A 85 14.46 -5.46 -10.36
CA ARG A 85 14.34 -4.91 -9.01
C ARG A 85 14.07 -6.05 -8.03
N ARG A 86 14.89 -7.07 -8.13
CA ARG A 86 14.73 -8.25 -7.31
C ARG A 86 14.91 -7.92 -5.82
N GLU A 87 15.67 -6.87 -5.49
CA GLU A 87 15.89 -6.50 -4.09
C GLU A 87 14.55 -6.21 -3.39
N LEU A 88 13.61 -5.62 -4.14
CA LEU A 88 12.26 -5.33 -3.59
C LEU A 88 11.49 -6.56 -3.16
N LEU A 89 11.59 -7.64 -3.97
CA LEU A 89 10.98 -8.93 -3.59
C LEU A 89 11.59 -9.43 -2.28
N PHE A 90 12.92 -9.37 -2.20
CA PHE A 90 13.65 -9.77 -1.00
C PHE A 90 13.16 -8.93 0.22
N ASN A 91 13.10 -7.62 0.05
CA ASN A 91 12.75 -6.73 1.17
C ASN A 91 11.31 -7.02 1.64
N GLU A 92 10.37 -7.17 0.69
CA GLU A 92 8.99 -7.46 1.07
C GLU A 92 8.86 -8.80 1.82
N VAL A 93 9.57 -9.82 1.35
CA VAL A 93 9.54 -11.11 2.07
C VAL A 93 10.10 -11.03 3.48
N VAL A 94 11.25 -10.37 3.59
CA VAL A 94 11.96 -10.24 4.86
C VAL A 94 11.13 -9.42 5.84
N ILE A 95 10.62 -8.29 5.36
CA ILE A 95 9.89 -7.38 6.24
C ILE A 95 8.49 -7.87 6.60
N MET A 96 7.66 -8.21 5.60
CA MET A 96 6.22 -8.39 5.82
C MET A 96 5.83 -9.81 6.28
N ARG A 97 6.76 -10.76 6.22
CA ARG A 97 6.45 -12.15 6.59
C ARG A 97 5.95 -12.23 8.03
N ASP A 98 6.50 -11.36 8.88
CA ASP A 98 6.25 -11.41 10.30
C ASP A 98 5.26 -10.36 10.82
N TYR A 99 4.54 -9.68 9.92
CA TYR A 99 3.48 -8.75 10.32
C TYR A 99 2.17 -9.21 9.73
N GLN A 100 1.10 -9.03 10.50
CA GLN A 100 -0.27 -9.30 10.00
C GLN A 100 -1.21 -8.26 10.62
N HIS A 101 -2.20 -7.84 9.85
CA HIS A 101 -3.22 -6.92 10.36
C HIS A 101 -4.45 -7.04 9.46
N PHE A 102 -5.64 -6.89 10.03
CA PHE A 102 -6.85 -7.11 9.24
C PHE A 102 -6.96 -6.18 8.01
N ASN A 103 -6.36 -5.00 8.09
CA ASN A 103 -6.46 -4.02 7.01
C ASN A 103 -5.20 -4.02 6.16
N VAL A 104 -4.41 -5.10 6.24
CA VAL A 104 -3.25 -5.30 5.35
C VAL A 104 -3.39 -6.61 4.59
N VAL A 105 -3.28 -6.57 3.25
CA VAL A 105 -3.39 -7.81 2.47
C VAL A 105 -2.27 -8.76 2.92
N GLU A 106 -2.65 -9.92 3.43
CA GLU A 106 -1.70 -10.77 4.16
C GLU A 106 -0.80 -11.60 3.26
N MET A 107 0.48 -11.67 3.60
CA MET A 107 1.42 -12.55 2.90
C MET A 107 1.53 -13.79 3.77
N TYR A 108 0.97 -14.89 3.30
CA TYR A 108 0.94 -16.08 4.16
C TYR A 108 2.28 -16.78 4.24
N LYS A 109 2.92 -16.92 3.10
CA LYS A 109 4.14 -17.73 2.94
C LYS A 109 4.90 -17.21 1.73
N SER A 110 6.21 -17.47 1.73
CA SER A 110 6.95 -17.37 0.46
C SER A 110 7.89 -18.54 0.37
N TYR A 111 8.12 -18.99 -0.84
CA TYR A 111 8.93 -20.21 -1.04
C TYR A 111 9.81 -20.04 -2.23
N LEU A 112 11.00 -20.65 -2.17
CA LEU A 112 11.83 -20.67 -3.34
C LEU A 112 11.58 -22.03 -4.00
N VAL A 113 11.07 -22.00 -5.23
CA VAL A 113 10.63 -23.24 -5.89
C VAL A 113 11.43 -23.36 -7.20
N GLY A 114 12.55 -24.07 -7.12
CA GLY A 114 13.52 -24.16 -8.23
C GLY A 114 13.97 -22.74 -8.60
N GLU A 115 13.63 -22.29 -9.81
CA GLU A 115 14.05 -20.94 -10.25
C GLU A 115 13.07 -19.83 -9.95
N GLU A 116 11.96 -20.17 -9.29
CA GLU A 116 10.92 -19.17 -9.06
C GLU A 116 10.74 -18.86 -7.59
N LEU A 117 10.22 -17.66 -7.34
CA LEU A 117 9.72 -17.34 -5.98
C LEU A 117 8.20 -17.47 -6.03
N TRP A 118 7.61 -18.25 -5.13
CA TRP A 118 6.15 -18.29 -5.01
C TRP A 118 5.78 -17.54 -3.75
N VAL A 119 4.92 -16.55 -3.91
CA VAL A 119 4.43 -15.80 -2.75
C VAL A 119 2.93 -16.04 -2.62
N LEU A 120 2.49 -16.54 -1.47
CA LEU A 120 1.07 -16.89 -1.25
C LEU A 120 0.43 -15.74 -0.53
N MET A 121 -0.56 -15.14 -1.18
CA MET A 121 -1.19 -13.89 -0.70
C MET A 121 -2.68 -14.14 -0.47
N GLU A 122 -3.22 -13.32 0.40
CA GLU A 122 -4.63 -13.22 0.62
C GLU A 122 -5.29 -12.82 -0.70
N PHE A 123 -6.39 -13.49 -1.05
CA PHE A 123 -7.11 -13.18 -2.31
C PHE A 123 -8.34 -12.28 -2.12
N LEU A 124 -8.35 -11.12 -2.76
CA LEU A 124 -9.47 -10.17 -2.66
C LEU A 124 -10.08 -9.92 -4.04
N GLN A 125 -11.40 -9.69 -4.08
CA GLN A 125 -12.10 -9.55 -5.35
C GLN A 125 -12.84 -8.25 -5.61
N GLY A 126 -12.62 -7.24 -4.79
CA GLY A 126 -13.41 -6.01 -4.89
C GLY A 126 -12.70 -4.91 -5.67
N GLY A 127 -11.60 -5.24 -6.31
CA GLY A 127 -10.88 -4.23 -7.09
C GLY A 127 -10.05 -3.27 -6.25
N ALA A 128 -9.67 -2.17 -6.86
CA ALA A 128 -8.84 -1.16 -6.18
C ALA A 128 -9.62 0.13 -5.97
N LEU A 129 -9.23 0.92 -4.98
CA LEU A 129 -9.93 2.17 -4.73
C LEU A 129 -9.95 3.09 -5.97
N THR A 130 -8.87 3.05 -6.74
CA THR A 130 -8.79 3.88 -7.95
C THR A 130 -9.96 3.63 -8.92
N ASP A 131 -10.42 2.37 -9.01
CA ASP A 131 -11.57 1.97 -9.88
C ASP A 131 -12.78 2.83 -9.60
N ILE A 132 -12.97 3.18 -8.33
CA ILE A 132 -14.10 3.99 -7.91
C ILE A 132 -13.76 5.50 -7.90
N VAL A 133 -12.62 5.88 -7.33
CA VAL A 133 -12.36 7.31 -7.10
C VAL A 133 -12.03 8.04 -8.40
N SER A 134 -11.62 7.29 -9.42
CA SER A 134 -11.41 7.91 -10.73
C SER A 134 -12.74 8.31 -11.34
N GLN A 135 -13.81 7.58 -10.97
CA GLN A 135 -15.16 7.72 -11.57
C GLN A 135 -16.10 8.58 -10.74
N VAL A 136 -16.00 8.47 -9.43
CA VAL A 136 -16.98 9.14 -8.54
C VAL A 136 -16.27 9.92 -7.46
N ARG A 137 -16.94 10.99 -7.02
CA ARG A 137 -16.50 11.74 -5.87
C ARG A 137 -17.12 11.13 -4.60
N LEU A 138 -16.29 10.50 -3.75
CA LEU A 138 -16.83 9.86 -2.54
C LEU A 138 -17.41 10.93 -1.63
N ASN A 139 -18.47 10.59 -0.93
CA ASN A 139 -18.96 11.49 0.15
C ASN A 139 -18.13 11.35 1.42
N GLU A 140 -18.38 12.17 2.45
CA GLU A 140 -17.45 12.22 3.57
C GLU A 140 -17.52 10.96 4.42
N GLU A 141 -18.69 10.33 4.50
CA GLU A 141 -18.81 9.02 5.19
C GLU A 141 -17.90 7.99 4.50
N GLN A 142 -17.98 7.95 3.18
CA GLN A 142 -17.16 7.01 2.41
C GLN A 142 -15.65 7.30 2.57
N ILE A 143 -15.31 8.58 2.51
CA ILE A 143 -13.92 8.97 2.68
C ILE A 143 -13.43 8.56 4.07
N ALA A 144 -14.26 8.78 5.08
CA ALA A 144 -13.92 8.44 6.46
C ALA A 144 -13.73 6.94 6.61
N THR A 145 -14.59 6.16 5.94
CA THR A 145 -14.51 4.70 6.00
C THR A 145 -13.15 4.20 5.45
N VAL A 146 -12.77 4.75 4.30
CA VAL A 146 -11.48 4.41 3.68
C VAL A 146 -10.30 4.83 4.54
N CYS A 147 -10.34 6.08 5.01
CA CYS A 147 -9.22 6.61 5.79
C CYS A 147 -9.05 5.89 7.12
N GLU A 148 -10.15 5.55 7.78
CA GLU A 148 -10.07 4.86 9.06
C GLU A 148 -9.38 3.52 8.83
N ALA A 149 -9.75 2.80 7.76
CA ALA A 149 -9.09 1.52 7.49
C ALA A 149 -7.60 1.64 7.20
N VAL A 150 -7.25 2.57 6.31
CA VAL A 150 -5.85 2.73 5.94
C VAL A 150 -5.07 3.16 7.18
N LEU A 151 -5.67 4.02 7.98
CA LEU A 151 -4.96 4.55 9.18
C LEU A 151 -4.79 3.45 10.24
N GLN A 152 -5.73 2.51 10.31
CA GLN A 152 -5.54 1.40 11.29
C GLN A 152 -4.34 0.57 10.82
N ALA A 153 -4.23 0.34 9.51
CA ALA A 153 -3.10 -0.41 8.97
C ALA A 153 -1.83 0.34 9.25
N LEU A 154 -1.83 1.64 8.96
CA LEU A 154 -0.61 2.46 9.15
C LEU A 154 -0.19 2.60 10.61
N ALA A 155 -1.15 2.78 11.51
CA ALA A 155 -0.81 2.92 12.91
C ALA A 155 -0.11 1.62 13.40
N TYR A 156 -0.58 0.47 12.92
CA TYR A 156 0.02 -0.81 13.27
C TYR A 156 1.41 -0.95 12.66
N LEU A 157 1.53 -0.71 11.35
CA LEU A 157 2.81 -0.83 10.64
C LEU A 157 3.83 0.14 11.20
N HIS A 158 3.40 1.39 11.41
CA HIS A 158 4.35 2.41 11.94
C HIS A 158 4.90 2.09 13.34
N ALA A 159 4.05 1.53 14.20
CA ALA A 159 4.45 1.12 15.54
C ALA A 159 5.48 -0.01 15.46
N GLN A 160 5.43 -0.80 14.37
CA GLN A 160 6.41 -1.86 14.13
C GLN A 160 7.69 -1.35 13.46
N GLY A 161 7.66 -0.09 13.05
CA GLY A 161 8.79 0.54 12.35
C GLY A 161 8.80 0.28 10.88
N VAL A 162 7.65 -0.13 10.33
CA VAL A 162 7.55 -0.35 8.88
C VAL A 162 7.04 0.94 8.23
N ILE A 163 7.72 1.36 7.16
CA ILE A 163 7.28 2.46 6.33
C ILE A 163 6.79 1.85 4.99
N HIS A 164 5.59 2.21 4.55
CA HIS A 164 5.05 1.59 3.29
C HIS A 164 5.71 2.22 2.07
N ARG A 165 5.71 3.57 2.06
CA ARG A 165 6.40 4.39 1.02
C ARG A 165 5.76 4.41 -0.35
N ASP A 166 4.64 3.74 -0.56
CA ASP A 166 3.94 3.84 -1.85
C ASP A 166 2.43 3.94 -1.69
N ILE A 167 1.99 4.76 -0.72
CA ILE A 167 0.54 4.94 -0.51
C ILE A 167 -0.07 5.76 -1.64
N LYS A 168 -1.14 5.22 -2.23
CA LYS A 168 -1.87 5.87 -3.34
C LYS A 168 -3.10 5.03 -3.62
N SER A 169 -4.06 5.59 -4.39
CA SER A 169 -5.36 4.91 -4.50
C SER A 169 -5.22 3.51 -5.02
N ASP A 170 -4.28 3.25 -5.92
CA ASP A 170 -4.25 1.89 -6.43
C ASP A 170 -3.50 0.88 -5.54
N SER A 171 -2.96 1.34 -4.41
CA SER A 171 -2.39 0.44 -3.38
C SER A 171 -3.47 0.00 -2.40
N ILE A 172 -4.66 0.59 -2.51
CA ILE A 172 -5.77 0.28 -1.63
C ILE A 172 -6.71 -0.71 -2.32
N LEU A 173 -6.86 -1.90 -1.74
CA LEU A 173 -7.70 -2.93 -2.37
C LEU A 173 -8.98 -3.06 -1.55
N LEU A 174 -10.03 -3.56 -2.20
CA LEU A 174 -11.30 -3.70 -1.52
C LEU A 174 -11.82 -5.12 -1.62
N THR A 175 -12.61 -5.52 -0.64
CA THR A 175 -13.31 -6.79 -0.75
C THR A 175 -14.69 -6.54 -1.35
N LEU A 176 -15.34 -7.60 -1.77
CA LEU A 176 -16.70 -7.52 -2.30
C LEU A 176 -17.65 -7.10 -1.20
N ASP A 177 -17.27 -7.38 0.05
CA ASP A 177 -18.13 -6.95 1.15
C ASP A 177 -17.73 -5.58 1.77
N GLY A 178 -16.85 -4.84 1.07
CA GLY A 178 -16.54 -3.46 1.43
C GLY A 178 -15.40 -3.24 2.42
N ARG A 179 -14.67 -4.30 2.76
CA ARG A 179 -13.43 -4.16 3.54
C ARG A 179 -12.35 -3.46 2.74
N VAL A 180 -11.55 -2.70 3.45
CA VAL A 180 -10.52 -1.86 2.82
C VAL A 180 -9.17 -2.36 3.35
N LYS A 181 -8.29 -2.70 2.42
CA LYS A 181 -6.96 -3.21 2.79
C LYS A 181 -5.83 -2.60 1.98
N LEU A 182 -4.70 -2.44 2.64
CA LEU A 182 -3.51 -1.84 2.05
C LEU A 182 -2.69 -2.92 1.43
N SER A 183 -2.20 -2.67 0.22
CA SER A 183 -1.39 -3.67 -0.46
C SER A 183 -0.14 -2.99 -1.08
N ASP A 184 0.53 -3.73 -1.97
CA ASP A 184 1.67 -3.17 -2.78
C ASP A 184 2.82 -2.64 -1.89
N PHE A 185 3.38 -3.56 -1.10
CA PHE A 185 4.52 -3.29 -0.22
C PHE A 185 5.90 -3.37 -0.88
N GLY A 186 5.95 -3.32 -2.22
CA GLY A 186 7.29 -3.41 -2.91
C GLY A 186 8.35 -2.44 -2.36
N PHE A 187 7.93 -1.23 -1.96
CA PHE A 187 8.90 -0.22 -1.54
C PHE A 187 9.06 -0.13 -0.05
N CYS A 188 8.55 -1.13 0.68
CA CYS A 188 8.51 -0.95 2.12
C CYS A 188 9.92 -0.97 2.73
N ALA A 189 10.01 -0.41 3.93
CA ALA A 189 11.31 -0.34 4.65
C ALA A 189 11.08 -0.62 6.13
N GLN A 190 12.12 -1.06 6.81
CA GLN A 190 12.03 -1.33 8.23
C GLN A 190 13.06 -0.42 8.93
N ILE A 191 12.57 0.44 9.81
CA ILE A 191 13.48 1.24 10.62
C ILE A 191 13.78 0.50 11.93
N SER A 192 14.86 0.89 12.60
CA SER A 192 15.33 0.16 13.80
C SER A 192 16.12 1.12 14.66
N LYS A 193 16.43 0.71 15.89
CA LYS A 193 17.21 1.56 16.80
C LYS A 193 18.50 1.94 16.10
N ASP A 194 19.06 0.97 15.40
CA ASP A 194 20.33 1.06 14.73
C ASP A 194 20.24 1.93 13.48
N VAL A 195 19.19 1.75 12.67
CA VAL A 195 19.04 2.52 11.43
C VAL A 195 17.65 3.19 11.48
N PRO A 196 17.55 4.29 12.23
CA PRO A 196 16.20 4.82 12.49
C PRO A 196 15.59 5.64 11.36
N LYS A 197 16.35 5.92 10.31
CA LYS A 197 15.81 6.77 9.21
C LYS A 197 16.24 6.22 7.87
N ARG A 198 15.43 6.52 6.84
CA ARG A 198 15.78 6.16 5.47
C ARG A 198 16.11 7.42 4.70
N LYS A 199 16.76 7.28 3.56
CA LYS A 199 16.88 8.48 2.72
C LYS A 199 16.78 8.22 1.21
N LEU A 201 15.20 7.80 -2.50
CA LEU A 201 14.12 8.39 -3.27
C LEU A 201 13.28 7.27 -3.84
N VAL A 202 12.22 6.92 -3.13
CA VAL A 202 11.31 5.86 -3.61
C VAL A 202 9.87 6.31 -3.47
N GLY A 203 9.00 5.65 -4.23
CA GLY A 203 7.57 5.97 -4.21
C GLY A 203 7.06 6.34 -5.59
N THR A 204 5.92 7.00 -5.65
CA THR A 204 5.35 7.36 -6.96
C THR A 204 5.28 8.88 -6.98
N PRO A 205 5.85 9.51 -8.04
CA PRO A 205 6.08 10.96 -7.98
C PRO A 205 5.01 11.83 -7.36
N TYR A 206 3.75 11.75 -7.84
CA TYR A 206 2.73 12.67 -7.40
C TYR A 206 2.37 12.54 -5.94
N TRP A 207 2.69 11.39 -5.32
CA TRP A 207 2.34 11.10 -3.95
C TRP A 207 3.53 11.17 -2.98
N MET A 208 4.73 11.43 -3.50
CA MET A 208 5.92 11.44 -2.66
C MET A 208 5.96 12.66 -1.73
N ALA A 209 6.37 12.41 -0.47
CA ALA A 209 6.56 13.52 0.47
C ALA A 209 7.76 14.39 0.07
N PRO A 210 7.71 15.71 0.37
CA PRO A 210 8.78 16.62 -0.04
C PRO A 210 10.13 16.15 0.51
N GLU A 211 10.14 15.57 1.71
CA GLU A 211 11.44 15.18 2.27
C GLU A 211 12.00 13.97 1.58
N VAL A 212 11.12 13.18 0.95
CA VAL A 212 11.61 12.05 0.13
C VAL A 212 12.28 12.59 -1.11
N ILE A 213 11.60 13.52 -1.80
CA ILE A 213 12.12 14.15 -2.97
C ILE A 213 13.46 14.81 -2.74
N SER A 214 13.62 15.47 -1.59
CA SER A 214 14.89 16.10 -1.25
C SER A 214 15.95 15.15 -0.71
N ARG A 215 15.62 13.86 -0.58
CA ARG A 215 16.55 12.83 -0.03
C ARG A 215 17.07 13.23 1.36
N SER A 216 16.18 13.82 2.14
CA SER A 216 16.42 14.02 3.57
C SER A 216 16.24 12.69 4.30
N LEU A 217 16.84 12.59 5.48
CA LEU A 217 16.52 11.49 6.39
C LEU A 217 15.04 11.61 6.72
N TYR A 218 14.34 10.48 6.63
CA TYR A 218 12.92 10.47 6.92
C TYR A 218 12.53 9.17 7.60
N ALA A 219 11.32 9.20 8.15
CA ALA A 219 10.79 8.00 8.80
C ALA A 219 9.30 7.79 8.42
N THR A 220 8.47 7.33 9.35
CA THR A 220 7.10 6.98 9.00
C THR A 220 6.21 8.14 8.54
N GLU A 221 6.65 9.40 8.81
CA GLU A 221 5.83 10.57 8.43
C GLU A 221 5.52 10.66 6.95
N VAL A 222 6.41 10.10 6.13
CA VAL A 222 6.19 10.21 4.69
C VAL A 222 4.89 9.54 4.25
N ASP A 223 4.46 8.45 4.94
CA ASP A 223 3.21 7.77 4.52
C ASP A 223 1.99 8.66 4.79
N ILE A 224 2.10 9.52 5.82
CA ILE A 224 0.96 10.42 6.13
C ILE A 224 0.77 11.50 5.05
N TRP A 225 1.87 12.07 4.56
CA TRP A 225 1.79 12.95 3.39
C TRP A 225 1.11 12.24 2.23
N SER A 226 1.65 11.07 1.87
CA SER A 226 1.06 10.31 0.75
C SER A 226 -0.44 10.09 0.97
N LEU A 227 -0.85 9.72 2.19
CA LEU A 227 -2.27 9.58 2.49
C LEU A 227 -3.04 10.90 2.20
N GLY A 228 -2.44 12.03 2.61
CA GLY A 228 -3.02 13.37 2.33
C GLY A 228 -3.29 13.54 0.83
N ILE A 229 -2.33 13.18 0.00
CA ILE A 229 -2.50 13.25 -1.47
C ILE A 229 -3.67 12.33 -1.92
N MET A 230 -3.74 11.14 -1.31
CA MET A 230 -4.83 10.23 -1.59
C MET A 230 -6.19 10.84 -1.21
N VAL A 231 -6.25 11.55 -0.09
CA VAL A 231 -7.47 12.29 0.26
C VAL A 231 -7.81 13.29 -0.84
N ILE A 232 -6.81 13.97 -1.37
CA ILE A 232 -7.08 14.87 -2.50
C ILE A 232 -7.66 14.07 -3.71
N GLU A 233 -7.06 12.95 -4.04
CA GLU A 233 -7.63 12.04 -5.04
C GLU A 233 -9.12 11.79 -4.77
N MET A 234 -9.47 11.43 -3.53
CA MET A 234 -10.86 11.13 -3.17
C MET A 234 -11.83 12.31 -3.34
N VAL A 235 -11.36 13.51 -3.07
CA VAL A 235 -12.21 14.70 -3.13
C VAL A 235 -12.28 15.30 -4.54
N ASP A 236 -11.12 15.36 -5.19
CA ASP A 236 -10.99 16.02 -6.49
C ASP A 236 -11.04 15.11 -7.71
N GLY A 237 -10.65 13.85 -7.54
CA GLY A 237 -10.56 12.81 -8.59
C GLY A 237 -9.14 12.51 -9.04
N GLU A 238 -8.19 13.36 -8.64
CA GLU A 238 -6.79 13.21 -9.05
C GLU A 238 -5.88 13.93 -8.07
N PRO A 239 -4.62 13.51 -8.00
CA PRO A 239 -3.69 14.26 -7.15
C PRO A 239 -3.33 15.61 -7.74
N PRO A 240 -2.70 16.49 -6.94
CA PRO A 240 -2.17 17.75 -7.46
C PRO A 240 -1.16 17.53 -8.58
N TYR A 241 -1.08 18.52 -9.48
CA TYR A 241 -0.04 18.55 -10.50
C TYR A 241 -0.11 17.41 -11.49
N PHE A 242 -1.27 16.77 -11.59
CA PHE A 242 -1.35 15.52 -12.34
C PHE A 242 -1.12 15.72 -13.84
N SER A 243 -1.36 16.94 -14.33
CA SER A 243 -1.12 17.24 -15.76
C SER A 243 0.35 17.55 -16.05
N ASP A 244 1.18 17.67 -15.01
CA ASP A 244 2.59 18.01 -15.18
C ASP A 244 3.33 16.70 -15.43
N SER A 245 4.51 16.76 -16.03
CA SER A 245 5.38 15.58 -16.09
C SER A 245 5.69 15.11 -14.65
N PRO A 246 5.90 13.80 -14.45
CA PRO A 246 6.26 13.36 -13.10
C PRO A 246 7.50 14.09 -12.53
N VAL A 247 8.50 14.38 -13.36
CA VAL A 247 9.69 15.08 -12.89
C VAL A 247 9.34 16.52 -12.47
N GLN A 248 8.53 17.20 -13.29
CA GLN A 248 8.04 18.55 -12.93
C GLN A 248 7.19 18.55 -11.66
N ALA A 249 6.35 17.54 -11.51
CA ALA A 249 5.49 17.46 -10.32
C ALA A 249 6.37 17.36 -9.08
N MET A 250 7.41 16.52 -9.16
CA MET A 250 8.30 16.31 -8.04
C MET A 250 8.99 17.64 -7.66
N LYS A 251 9.35 18.43 -8.65
CA LYS A 251 10.02 19.72 -8.36
C LYS A 251 9.07 20.65 -7.63
N ARG A 252 7.81 20.68 -8.09
CA ARG A 252 6.84 21.55 -7.41
C ARG A 252 6.56 21.07 -5.98
N LEU A 253 6.44 19.77 -5.81
CA LEU A 253 6.19 19.21 -4.47
C LEU A 253 7.36 19.49 -3.53
N ARG A 254 8.57 19.36 -4.06
CA ARG A 254 9.79 19.52 -3.23
C ARG A 254 9.84 20.92 -2.64
N ASP A 255 9.49 21.90 -3.47
CA ASP A 255 9.76 23.34 -3.19
C ASP A 255 8.60 24.06 -2.50
N SER A 256 7.38 23.61 -2.76
CA SER A 256 6.22 24.52 -2.66
C SER A 256 5.48 24.30 -1.35
N PRO A 257 4.73 25.31 -0.89
CA PRO A 257 3.78 25.04 0.22
C PRO A 257 2.85 23.90 -0.18
N PRO A 258 2.22 23.24 0.80
CA PRO A 258 1.41 22.07 0.46
C PRO A 258 0.29 22.38 -0.51
N PRO A 259 -0.05 21.39 -1.35
CA PRO A 259 -1.09 21.59 -2.36
C PRO A 259 -2.46 21.64 -1.68
N LYS A 260 -3.37 22.38 -2.31
CA LYS A 260 -4.72 22.58 -1.78
C LYS A 260 -5.74 21.84 -2.65
N LEU A 261 -6.90 21.53 -2.06
CA LEU A 261 -8.04 20.95 -2.78
C LEU A 261 -8.50 21.91 -3.86
N LYS A 262 -8.84 21.37 -5.03
CA LYS A 262 -9.52 22.15 -6.06
C LYS A 262 -10.97 22.35 -5.59
N ASN A 263 -11.58 21.28 -5.09
CA ASN A 263 -12.94 21.39 -4.55
C ASN A 263 -13.04 21.69 -3.04
N SER A 264 -12.32 22.72 -2.58
CA SER A 264 -12.31 23.08 -1.15
C SER A 264 -13.67 23.46 -0.62
N HIS A 265 -14.53 24.01 -1.49
CA HIS A 265 -15.84 24.48 -1.07
C HIS A 265 -16.75 23.32 -0.65
N LYS A 266 -16.45 22.13 -1.18
CA LYS A 266 -17.22 20.90 -0.95
C LYS A 266 -17.07 20.32 0.44
N VAL A 267 -15.97 20.65 1.10
CA VAL A 267 -15.53 19.85 2.21
C VAL A 267 -15.84 20.50 3.56
N SER A 268 -16.28 19.70 4.53
CA SER A 268 -16.60 20.21 5.87
C SER A 268 -15.36 20.79 6.57
N PRO A 269 -15.57 21.76 7.47
CA PRO A 269 -14.43 22.24 8.29
C PRO A 269 -13.63 21.10 8.94
N VAL A 270 -14.32 20.07 9.45
CA VAL A 270 -13.62 18.95 10.11
C VAL A 270 -12.74 18.16 9.11
N LEU A 271 -13.26 17.88 7.92
CA LEU A 271 -12.43 17.21 6.92
C LEU A 271 -11.26 18.10 6.45
N ARG A 272 -11.52 19.42 6.33
CA ARG A 272 -10.44 20.35 5.98
C ARG A 272 -9.31 20.26 7.01
N ASP A 273 -9.69 20.19 8.28
CA ASP A 273 -8.70 20.16 9.35
C ASP A 273 -7.92 18.85 9.28
N PHE A 274 -8.64 17.75 9.09
CA PHE A 274 -8.05 16.41 8.94
C PHE A 274 -6.99 16.43 7.83
N LEU A 275 -7.35 16.91 6.64
CA LEU A 275 -6.43 16.96 5.53
C LEU A 275 -5.19 17.85 5.84
N GLU A 276 -5.44 19.01 6.46
CA GLU A 276 -4.42 19.99 6.87
C GLU A 276 -3.44 19.48 7.94
N ARG A 277 -3.83 18.40 8.65
CA ARG A 277 -2.91 17.69 9.54
C ARG A 277 -1.93 16.79 8.80
N MET A 278 -2.30 16.44 7.57
CA MET A 278 -1.51 15.50 6.76
C MET A 278 -0.56 16.24 5.84
N LEU A 279 -1.06 17.26 5.13
CA LEU A 279 -0.29 17.95 4.14
C LEU A 279 0.46 19.11 4.79
N VAL A 280 1.46 18.72 5.60
CA VAL A 280 2.28 19.64 6.44
C VAL A 280 3.72 19.42 6.01
N ARG A 281 4.44 20.47 5.57
CA ARG A 281 5.82 20.21 5.11
C ARG A 281 6.71 19.70 6.23
N ASP A 282 6.65 20.32 7.41
CA ASP A 282 7.56 19.99 8.50
C ASP A 282 7.17 18.61 9.05
N PRO A 283 8.02 17.58 8.86
CA PRO A 283 7.58 16.23 9.26
C PRO A 283 7.32 16.06 10.72
N GLN A 284 7.91 16.91 11.55
CA GLN A 284 7.71 16.90 13.00
C GLN A 284 6.34 17.51 13.40
N GLU A 285 5.85 18.45 12.59
CA GLU A 285 4.53 19.04 12.82
C GLU A 285 3.40 18.20 12.24
N ARG A 286 3.72 17.38 11.22
CA ARG A 286 2.72 16.55 10.53
C ARG A 286 2.07 15.57 11.50
N ALA A 287 0.78 15.25 11.30
CA ALA A 287 0.13 14.28 12.21
C ALA A 287 0.71 12.89 12.06
N THR A 288 0.69 12.10 13.16
CA THR A 288 1.02 10.67 13.06
C THR A 288 -0.26 9.91 12.72
N ALA A 289 -0.12 8.63 12.32
CA ALA A 289 -1.34 7.85 12.05
C ALA A 289 -2.22 7.77 13.30
N GLN A 290 -1.62 7.60 14.47
CA GLN A 290 -2.41 7.48 15.70
C GLN A 290 -3.18 8.80 15.96
N GLU A 291 -2.55 9.95 15.71
CA GLU A 291 -3.25 11.23 15.91
C GLU A 291 -4.47 11.32 15.00
N LEU A 292 -4.29 10.89 13.76
CA LEU A 292 -5.36 10.96 12.77
C LEU A 292 -6.51 9.99 13.11
N LEU A 293 -6.18 8.79 13.64
CA LEU A 293 -7.25 7.90 14.17
C LEU A 293 -8.11 8.54 15.25
N ASP A 294 -7.50 9.43 16.02
CA ASP A 294 -8.16 10.09 17.12
C ASP A 294 -8.88 11.38 16.71
N HIS A 295 -8.82 11.72 15.41
CA HIS A 295 -9.38 12.96 14.89
C HIS A 295 -10.91 12.91 14.76
N PRO A 296 -11.61 14.02 15.09
CA PRO A 296 -13.08 14.00 15.03
C PRO A 296 -13.65 13.69 13.65
N PHE A 297 -12.88 13.90 12.58
CA PHE A 297 -13.38 13.52 11.28
C PHE A 297 -13.78 12.04 11.25
N LEU A 298 -12.97 11.18 11.86
CA LEU A 298 -13.26 9.72 11.80
C LEU A 298 -14.50 9.28 12.61
N LEU A 299 -15.15 10.23 13.29
CA LEU A 299 -16.48 10.01 13.88
C LEU A 299 -17.52 9.79 12.75
N GLN A 300 -17.14 10.11 11.52
CA GLN A 300 -18.04 10.03 10.37
C GLN A 300 -17.91 8.70 9.60
N THR A 301 -17.05 7.82 10.10
CA THR A 301 -16.83 6.48 9.51
C THR A 301 -18.13 5.73 9.40
N GLY A 302 -18.33 5.06 8.25
CA GLY A 302 -19.51 4.22 8.04
C GLY A 302 -19.19 2.72 8.11
N LEU A 303 -20.24 1.93 7.90
CA LEU A 303 -20.13 0.47 7.80
C LEU A 303 -19.53 0.12 6.45
N PRO A 304 -18.89 -1.07 6.35
CA PRO A 304 -18.25 -1.51 5.09
C PRO A 304 -19.27 -1.44 3.97
N GLU A 305 -20.51 -1.77 4.32
CA GLU A 305 -21.61 -1.71 3.41
C GLU A 305 -21.71 -0.38 2.65
N CYS A 306 -21.20 0.73 3.20
CA CYS A 306 -21.33 2.02 2.50
C CYS A 306 -20.52 2.08 1.19
N LEU A 307 -19.57 1.17 1.03
CA LEU A 307 -18.75 1.10 -0.20
C LEU A 307 -19.25 0.00 -1.16
N VAL A 308 -20.07 -0.90 -0.65
CA VAL A 308 -20.39 -2.11 -1.42
C VAL A 308 -21.07 -1.78 -2.76
N PRO A 309 -22.10 -0.92 -2.77
CA PRO A 309 -22.75 -0.64 -4.09
C PRO A 309 -21.77 -0.08 -5.14
N LEU A 310 -20.88 0.80 -4.71
CA LEU A 310 -19.91 1.39 -5.65
C LEU A 310 -18.92 0.36 -6.19
N ILE A 311 -18.49 -0.55 -5.32
CA ILE A 311 -17.54 -1.58 -5.70
C ILE A 311 -18.15 -2.47 -6.78
N GLN A 312 -19.44 -2.79 -6.60
CA GLN A 312 -20.21 -3.58 -7.57
C GLN A 312 -20.39 -2.84 -8.90
N LEU A 313 -20.63 -1.53 -8.86
CA LEU A 313 -20.80 -0.76 -10.11
C LEU A 313 -19.51 -0.65 -10.94
N TYR A 314 -18.34 -0.63 -10.29
CA TYR A 314 -17.07 -0.30 -10.96
C TYR A 314 -16.05 -1.43 -11.09
#